data_4ROT
#
_entry.id   4ROT
#
_cell.length_a   103.980
_cell.length_b   103.980
_cell.length_c   133.631
_cell.angle_alpha   90.00
_cell.angle_beta   90.00
_cell.angle_gamma   90.00
#
_symmetry.space_group_name_H-M   'I 4 2 2'
#
loop_
_entity.id
_entity.type
_entity.pdbx_description
1 polymer 'Esterase A'
2 non-polymer 'ZINC ION'
3 non-polymer 'OXALATE ION'
4 water water
#
_entity_poly.entity_id   1
_entity_poly.type   'polypeptide(L)'
_entity_poly.pdbx_seq_one_letter_code
;NLYFQGAMASIAIEYHSVVLGMERKVNVIYPDQSEIPKKDQGDKDIPVLYLLHGMGGNENSWQKRTAIERLLRHTNLIVV
MPSTDLGWYTDTAYGLNYYRALSQELPQVLAAFFPNMTQKREKTFVAGLSMGGYGAFKWALKSNRFSYAASFSGALDFSP
ETNLEGNLGELAYWQGVFGQFEDPDLDKHYLKNMVAESDGKTKFYAWCGYEDFLFATNEKAIADFQAQGLDIDYHKGHGK
HEWYYWNQQLEVLLEWLPINYQKEERLS
;
_entity_poly.pdbx_strand_id   A
#
# COMPACT_ATOMS: atom_id res chain seq x y z
N ASN A 1 -2.49 -32.37 -19.17
CA ASN A 1 -1.14 -32.92 -19.54
C ASN A 1 -0.29 -33.31 -18.32
N LEU A 2 -0.48 -32.69 -17.15
CA LEU A 2 0.61 -32.56 -16.13
C LEU A 2 1.50 -31.34 -16.50
N TYR A 3 1.68 -31.10 -17.80
CA TYR A 3 2.30 -29.88 -18.38
C TYR A 3 1.57 -28.54 -18.18
N PHE A 4 0.27 -28.61 -17.93
CA PHE A 4 -0.58 -27.44 -17.84
C PHE A 4 -0.69 -27.04 -16.37
N GLN A 5 -0.84 -25.77 -16.16
CA GLN A 5 -0.98 -25.31 -14.80
C GLN A 5 -1.70 -23.96 -14.87
N GLY A 6 -2.40 -23.64 -13.84
CA GLY A 6 -3.06 -22.36 -13.85
C GLY A 6 -2.23 -21.09 -13.77
N ALA A 7 -2.97 -19.97 -13.91
CA ALA A 7 -2.45 -18.68 -13.57
C ALA A 7 -3.59 -17.76 -13.10
N MET A 8 -3.24 -16.79 -12.25
CA MET A 8 -4.21 -15.73 -11.84
C MET A 8 -4.49 -14.99 -13.10
N ALA A 9 -5.64 -14.30 -13.14
CA ALA A 9 -5.82 -13.34 -14.20
C ALA A 9 -5.11 -12.03 -13.89
N SER A 10 -4.53 -11.44 -14.91
CA SER A 10 -3.83 -10.19 -14.82
CA SER A 10 -3.85 -10.17 -14.79
C SER A 10 -4.66 -9.17 -15.61
N ILE A 11 -5.13 -8.11 -14.95
CA ILE A 11 -6.00 -7.14 -15.61
C ILE A 11 -5.33 -5.74 -15.55
N ALA A 12 -5.19 -5.06 -16.68
CA ALA A 12 -4.67 -3.73 -16.71
C ALA A 12 -5.81 -2.79 -17.12
N ILE A 13 -6.15 -1.81 -16.29
CA ILE A 13 -7.25 -0.92 -16.54
C ILE A 13 -6.76 0.49 -16.74
N GLU A 14 -7.18 1.11 -17.82
CA GLU A 14 -7.01 2.54 -17.98
C GLU A 14 -8.40 3.19 -17.91
N TYR A 15 -8.61 4.13 -17.01
CA TYR A 15 -9.91 4.69 -16.81
C TYR A 15 -9.84 6.20 -16.65
N HIS A 16 -10.95 6.91 -16.94
CA HIS A 16 -11.00 8.35 -16.73
C HIS A 16 -11.22 8.74 -15.29
N SER A 17 -10.26 9.39 -14.64
CA SER A 17 -10.47 9.89 -13.29
C SER A 17 -11.11 11.32 -13.38
N VAL A 18 -12.32 11.44 -12.84
CA VAL A 18 -12.95 12.72 -12.75
C VAL A 18 -12.24 13.55 -11.72
N VAL A 19 -11.81 12.92 -10.62
CA VAL A 19 -11.07 13.63 -9.56
C VAL A 19 -9.78 14.32 -10.02
N LEU A 20 -8.98 13.61 -10.81
CA LEU A 20 -7.70 14.07 -11.29
C LEU A 20 -7.83 14.73 -12.64
N GLY A 21 -8.93 14.46 -13.32
CA GLY A 21 -9.14 15.03 -14.67
C GLY A 21 -8.19 14.49 -15.74
N MET A 22 -7.92 13.19 -15.65
CA MET A 22 -7.00 12.55 -16.55
C MET A 22 -7.23 11.04 -16.56
N GLU A 23 -6.73 10.40 -17.60
CA GLU A 23 -6.75 8.93 -17.71
C GLU A 23 -5.73 8.41 -16.69
N ARG A 24 -6.12 7.40 -15.97
CA ARG A 24 -5.25 6.79 -14.94
C ARG A 24 -5.18 5.29 -15.14
N LYS A 25 -4.10 4.68 -14.65
N LYS A 25 -4.07 4.69 -14.68
CA LYS A 25 -3.89 3.26 -14.78
CA LYS A 25 -3.85 3.26 -14.81
C LYS A 25 -3.91 2.58 -13.44
C LYS A 25 -3.89 2.57 -13.46
N VAL A 26 -4.57 1.43 -13.38
CA VAL A 26 -4.58 0.58 -12.18
C VAL A 26 -4.48 -0.87 -12.66
N ASN A 27 -3.60 -1.66 -12.01
CA ASN A 27 -3.49 -3.12 -12.31
C ASN A 27 -4.23 -3.93 -11.26
N VAL A 28 -4.81 -5.05 -11.67
CA VAL A 28 -5.53 -5.89 -10.73
C VAL A 28 -5.15 -7.35 -11.03
N ILE A 29 -4.75 -8.09 -10.02
CA ILE A 29 -4.64 -9.54 -10.16
C ILE A 29 -5.82 -10.21 -9.49
N TYR A 30 -6.41 -11.16 -10.21
CA TYR A 30 -7.69 -11.70 -9.80
C TYR A 30 -7.58 -13.24 -9.73
N PRO A 31 -8.09 -13.87 -8.68
CA PRO A 31 -7.82 -15.29 -8.43
C PRO A 31 -8.40 -16.18 -9.57
N ASP A 32 -7.67 -17.26 -9.82
CA ASP A 32 -7.87 -18.29 -10.86
C ASP A 32 -8.91 -19.24 -10.25
N GLN A 33 -10.12 -19.16 -10.72
CA GLN A 33 -11.16 -20.17 -10.32
C GLN A 33 -10.71 -21.67 -10.30
N SER A 34 -9.75 -22.07 -11.15
CA SER A 34 -9.36 -23.49 -11.33
C SER A 34 -8.28 -23.92 -10.31
N GLU A 35 -7.73 -22.94 -9.60
CA GLU A 35 -6.61 -23.23 -8.75
C GLU A 35 -6.80 -22.93 -7.26
N ILE A 36 -7.78 -22.09 -6.91
CA ILE A 36 -8.03 -21.80 -5.49
C ILE A 36 -8.72 -23.01 -4.82
N PRO A 37 -8.63 -23.09 -3.47
CA PRO A 37 -9.36 -24.15 -2.78
C PRO A 37 -10.86 -24.23 -3.16
N LYS A 38 -11.41 -25.45 -3.16
CA LYS A 38 -12.75 -25.75 -3.70
C LYS A 38 -13.82 -24.81 -3.21
N LYS A 39 -13.84 -24.63 -1.88
CA LYS A 39 -14.81 -23.81 -1.15
C LYS A 39 -14.96 -22.34 -1.66
N ASP A 40 -13.87 -21.81 -2.25
CA ASP A 40 -13.76 -20.39 -2.68
C ASP A 40 -14.36 -20.14 -4.04
N GLN A 41 -14.65 -21.22 -4.78
CA GLN A 41 -15.22 -21.10 -6.13
C GLN A 41 -16.60 -20.44 -6.06
N GLY A 42 -16.83 -19.38 -6.84
CA GLY A 42 -18.11 -18.67 -6.85
C GLY A 42 -18.22 -17.54 -5.82
N ASP A 43 -17.14 -17.27 -5.10
CA ASP A 43 -17.17 -16.24 -4.05
C ASP A 43 -17.65 -14.87 -4.58
N LYS A 44 -18.58 -14.22 -3.84
CA LYS A 44 -19.09 -12.85 -4.11
C LYS A 44 -18.62 -11.73 -3.14
N ASP A 45 -17.69 -12.12 -2.36
CA ASP A 45 -17.11 -11.39 -1.22
C ASP A 45 -15.61 -11.69 -1.16
N ILE A 46 -14.93 -11.54 -2.33
CA ILE A 46 -13.51 -11.89 -2.41
C ILE A 46 -12.62 -10.83 -1.68
N PRO A 47 -11.72 -11.27 -0.87
CA PRO A 47 -10.91 -10.31 -0.13
C PRO A 47 -10.00 -9.52 -1.11
N VAL A 48 -9.59 -8.34 -0.68
CA VAL A 48 -8.85 -7.38 -1.52
C VAL A 48 -7.68 -6.79 -0.71
N LEU A 49 -6.50 -6.79 -1.33
CA LEU A 49 -5.31 -6.12 -0.76
C LEU A 49 -4.98 -5.00 -1.76
N TYR A 50 -4.84 -3.78 -1.29
CA TYR A 50 -4.34 -2.68 -2.07
C TYR A 50 -2.84 -2.63 -1.78
N LEU A 51 -2.01 -2.62 -2.83
CA LEU A 51 -0.55 -2.61 -2.60
C LEU A 51 0.04 -1.40 -3.31
N LEU A 52 0.66 -0.52 -2.53
CA LEU A 52 1.08 0.78 -3.00
C LEU A 52 2.55 0.80 -3.28
N HIS A 53 2.90 1.47 -4.37
CA HIS A 53 4.23 1.65 -4.79
C HIS A 53 5.02 2.78 -4.08
N GLY A 54 6.34 2.80 -4.31
CA GLY A 54 7.30 3.76 -3.79
C GLY A 54 7.61 4.92 -4.76
N MET A 55 8.44 5.86 -4.32
CA MET A 55 8.72 7.03 -5.13
C MET A 55 9.49 6.58 -6.41
N GLY A 56 8.97 6.97 -7.54
CA GLY A 56 9.50 6.60 -8.81
C GLY A 56 8.80 5.42 -9.45
N GLY A 57 8.01 4.69 -8.70
CA GLY A 57 7.28 3.56 -9.26
C GLY A 57 5.89 3.87 -9.80
N ASN A 58 5.16 2.82 -10.09
CA ASN A 58 3.87 2.91 -10.67
C ASN A 58 3.10 1.60 -10.46
N GLU A 59 1.98 1.50 -11.15
CA GLU A 59 1.13 0.32 -11.09
C GLU A 59 1.76 -1.06 -11.48
N ASN A 60 2.94 -1.05 -12.10
CA ASN A 60 3.71 -2.27 -12.50
C ASN A 60 4.76 -2.68 -11.54
N SER A 61 5.04 -1.87 -10.53
CA SER A 61 6.21 -2.10 -9.72
C SER A 61 6.21 -3.42 -8.98
N TRP A 62 5.14 -3.66 -8.19
CA TRP A 62 4.99 -4.93 -7.44
C TRP A 62 5.03 -6.15 -8.32
N GLN A 63 4.37 -6.10 -9.47
CA GLN A 63 4.35 -7.23 -10.36
C GLN A 63 5.66 -7.60 -10.99
N LYS A 64 6.49 -6.61 -11.24
CA LYS A 64 7.75 -6.83 -11.91
C LYS A 64 8.92 -7.08 -10.98
N ARG A 65 8.78 -6.67 -9.73
CA ARG A 65 9.90 -6.75 -8.71
C ARG A 65 9.76 -7.78 -7.69
N THR A 66 8.62 -8.46 -7.68
CA THR A 66 8.34 -9.56 -6.92
C THR A 66 7.73 -10.57 -7.88
N ALA A 67 7.56 -11.71 -7.45
CA ALA A 67 6.87 -12.67 -8.43
C ALA A 67 5.51 -12.88 -7.76
N ILE A 68 4.91 -11.80 -7.35
CA ILE A 68 3.56 -11.85 -6.67
C ILE A 68 2.53 -12.74 -7.44
N GLU A 69 2.48 -12.59 -8.78
CA GLU A 69 1.51 -13.37 -9.59
C GLU A 69 1.79 -14.86 -9.42
N ARG A 70 3.03 -15.25 -9.19
CA ARG A 70 3.32 -16.68 -8.94
C ARG A 70 2.91 -17.05 -7.50
N LEU A 71 3.28 -16.16 -6.55
CA LEU A 71 3.12 -16.47 -5.10
C LEU A 71 1.66 -16.74 -4.79
N LEU A 72 0.78 -15.92 -5.38
CA LEU A 72 -0.67 -15.87 -4.97
C LEU A 72 -1.55 -16.79 -5.81
N ARG A 73 -0.91 -17.60 -6.67
CA ARG A 73 -1.72 -18.20 -7.74
C ARG A 73 -2.72 -19.27 -7.22
N HIS A 74 -2.49 -19.79 -6.01
CA HIS A 74 -3.45 -20.69 -5.42
C HIS A 74 -4.31 -20.07 -4.37
N THR A 75 -4.31 -18.74 -4.25
CA THR A 75 -4.91 -18.07 -3.09
C THR A 75 -6.11 -17.25 -3.59
N ASN A 76 -7.17 -17.20 -2.78
CA ASN A 76 -8.35 -16.43 -3.04
C ASN A 76 -8.25 -14.97 -2.60
N LEU A 77 -7.46 -14.20 -3.37
CA LEU A 77 -7.19 -12.79 -3.03
C LEU A 77 -7.14 -11.95 -4.30
N ILE A 78 -7.87 -10.86 -4.34
CA ILE A 78 -7.68 -9.82 -5.36
C ILE A 78 -6.58 -8.86 -4.85
N VAL A 79 -5.64 -8.44 -5.73
CA VAL A 79 -4.63 -7.44 -5.33
C VAL A 79 -4.76 -6.32 -6.31
N VAL A 80 -4.89 -5.11 -5.83
CA VAL A 80 -4.99 -3.88 -6.61
C VAL A 80 -3.75 -3.04 -6.46
N MET A 81 -3.14 -2.64 -7.58
CA MET A 81 -1.88 -1.86 -7.63
CA MET A 81 -1.91 -1.84 -7.59
C MET A 81 -2.22 -0.50 -8.28
N PRO A 82 -2.46 0.50 -7.50
CA PRO A 82 -2.76 1.87 -7.97
C PRO A 82 -1.47 2.62 -8.31
N SER A 83 -1.60 3.79 -8.92
CA SER A 83 -0.48 4.67 -9.19
C SER A 83 -0.71 6.07 -8.58
N THR A 84 0.32 6.69 -8.03
CA THR A 84 0.20 8.05 -7.55
C THR A 84 1.26 8.99 -8.08
N ASP A 85 2.04 8.54 -9.08
CA ASP A 85 3.15 9.32 -9.58
C ASP A 85 4.08 9.71 -8.39
N LEU A 86 4.57 10.97 -8.39
CA LEU A 86 5.35 11.44 -7.28
C LEU A 86 4.51 12.23 -6.29
N GLY A 87 3.20 11.92 -6.19
CA GLY A 87 2.30 12.72 -5.35
C GLY A 87 2.07 12.28 -3.91
N TRP A 88 2.79 11.25 -3.44
CA TRP A 88 2.63 10.80 -2.03
C TRP A 88 1.25 10.46 -1.57
N TYR A 89 0.38 10.05 -2.45
CA TYR A 89 -0.99 9.65 -2.02
C TYR A 89 -1.59 10.80 -1.26
N THR A 90 -1.33 12.01 -1.79
CA THR A 90 -1.72 13.25 -1.10
C THR A 90 -2.39 14.21 -2.04
N ASP A 91 -3.42 14.91 -1.57
CA ASP A 91 -3.90 16.05 -2.34
C ASP A 91 -2.91 17.19 -2.30
N THR A 92 -2.25 17.46 -3.41
CA THR A 92 -1.03 18.19 -3.41
C THR A 92 -1.34 19.71 -3.42
N ALA A 93 -0.32 20.53 -3.28
CA ALA A 93 -0.49 21.97 -3.28
C ALA A 93 -0.53 22.57 -4.70
N TYR A 94 -0.33 21.69 -5.70
CA TYR A 94 -0.42 22.07 -7.15
C TYR A 94 -1.64 21.50 -7.84
N GLY A 95 -2.62 21.14 -7.02
CA GLY A 95 -3.92 20.86 -7.47
C GLY A 95 -4.23 19.46 -7.97
N LEU A 96 -3.37 18.50 -7.71
CA LEU A 96 -3.69 17.11 -8.07
C LEU A 96 -4.12 16.39 -6.77
N ASN A 97 -5.36 15.98 -6.73
CA ASN A 97 -6.01 15.46 -5.53
C ASN A 97 -5.85 13.92 -5.51
N TYR A 98 -4.62 13.51 -5.32
CA TYR A 98 -4.30 12.09 -5.34
C TYR A 98 -4.87 11.30 -4.24
N TYR A 99 -5.03 11.91 -3.05
CA TYR A 99 -5.63 11.22 -1.90
C TYR A 99 -7.11 10.99 -2.13
N ARG A 100 -7.81 11.99 -2.65
CA ARG A 100 -9.23 11.83 -2.97
C ARG A 100 -9.42 10.79 -4.02
N ALA A 101 -8.53 10.78 -5.02
CA ALA A 101 -8.60 9.79 -6.10
C ALA A 101 -8.38 8.37 -5.62
N LEU A 102 -7.45 8.18 -4.71
CA LEU A 102 -7.17 6.87 -4.10
C LEU A 102 -8.31 6.42 -3.20
N SER A 103 -8.72 7.32 -2.31
CA SER A 103 -9.57 6.91 -1.17
C SER A 103 -11.06 6.92 -1.48
N GLN A 104 -11.47 7.79 -2.38
CA GLN A 104 -12.88 7.89 -2.71
CA GLN A 104 -12.88 7.94 -2.73
C GLN A 104 -13.19 7.34 -4.10
N GLU A 105 -12.48 7.77 -5.14
CA GLU A 105 -12.85 7.37 -6.48
C GLU A 105 -12.47 5.94 -6.84
N LEU A 106 -11.22 5.57 -6.56
CA LEU A 106 -10.73 4.26 -7.00
C LEU A 106 -11.64 3.12 -6.45
N PRO A 107 -12.01 3.17 -5.12
CA PRO A 107 -12.84 2.03 -4.70
C PRO A 107 -14.17 2.00 -5.41
N GLN A 108 -14.73 3.15 -5.76
CA GLN A 108 -15.99 3.14 -6.46
C GLN A 108 -15.89 2.63 -7.87
N VAL A 109 -14.81 2.99 -8.55
CA VAL A 109 -14.49 2.46 -9.87
C VAL A 109 -14.35 0.96 -9.87
N LEU A 110 -13.60 0.43 -8.91
CA LEU A 110 -13.35 -0.97 -8.88
C LEU A 110 -14.64 -1.71 -8.57
N ALA A 111 -15.46 -1.17 -7.69
CA ALA A 111 -16.68 -1.88 -7.30
C ALA A 111 -17.58 -1.96 -8.45
N ALA A 112 -17.58 -0.87 -9.27
CA ALA A 112 -18.50 -0.71 -10.41
C ALA A 112 -18.05 -1.74 -11.43
N PHE A 113 -16.71 -1.85 -11.67
CA PHE A 113 -16.27 -2.93 -12.56
C PHE A 113 -16.43 -4.28 -11.96
N PHE A 114 -16.18 -4.40 -10.67
CA PHE A 114 -15.98 -5.77 -10.07
C PHE A 114 -16.86 -6.00 -8.79
N PRO A 115 -18.17 -6.13 -9.00
CA PRO A 115 -19.08 -6.29 -7.87
C PRO A 115 -18.75 -7.52 -6.98
N ASN A 116 -18.03 -8.49 -7.48
CA ASN A 116 -17.74 -9.63 -6.58
C ASN A 116 -16.56 -9.45 -5.59
N MET A 117 -15.81 -8.37 -5.71
CA MET A 117 -14.80 -8.03 -4.66
C MET A 117 -15.63 -7.69 -3.34
N THR A 118 -15.08 -8.02 -2.22
CA THR A 118 -15.61 -7.62 -0.91
C THR A 118 -15.82 -6.12 -0.76
N GLN A 119 -16.84 -5.80 0.02
CA GLN A 119 -17.04 -4.50 0.55
C GLN A 119 -16.89 -4.45 2.06
N LYS A 120 -16.37 -5.49 2.66
CA LYS A 120 -16.19 -5.64 4.11
C LYS A 120 -14.79 -5.25 4.62
N ARG A 121 -14.75 -4.47 5.68
CA ARG A 121 -13.51 -4.15 6.33
C ARG A 121 -12.64 -5.37 6.73
N GLU A 122 -13.32 -6.45 7.19
CA GLU A 122 -12.63 -7.64 7.69
C GLU A 122 -11.87 -8.39 6.57
N LYS A 123 -12.20 -8.06 5.31
CA LYS A 123 -11.59 -8.66 4.13
C LYS A 123 -10.86 -7.63 3.21
N THR A 124 -10.58 -6.43 3.74
CA THR A 124 -9.96 -5.29 2.99
C THR A 124 -8.71 -4.90 3.71
N PHE A 125 -7.59 -4.90 2.98
CA PHE A 125 -6.25 -4.69 3.50
C PHE A 125 -5.44 -3.74 2.64
N VAL A 126 -4.46 -3.08 3.23
CA VAL A 126 -3.52 -2.19 2.52
C VAL A 126 -2.09 -2.38 2.94
N ALA A 127 -1.12 -2.24 2.03
CA ALA A 127 0.28 -2.25 2.42
C ALA A 127 1.03 -1.45 1.40
N GLY A 128 2.22 -1.00 1.74
CA GLY A 128 3.07 -0.34 0.79
C GLY A 128 4.47 -0.19 1.26
N LEU A 129 5.36 0.08 0.34
CA LEU A 129 6.76 0.26 0.68
C LEU A 129 7.17 1.75 0.48
N SER A 130 8.12 2.22 1.28
CA SER A 130 8.69 3.54 1.20
C SER A 130 7.55 4.66 1.25
N MET A 131 7.45 5.58 0.26
CA MET A 131 6.27 6.46 0.12
C MET A 131 4.96 5.76 0.26
N GLY A 132 4.87 4.52 -0.25
CA GLY A 132 3.72 3.70 -0.13
C GLY A 132 3.43 3.18 1.28
N GLY A 133 4.40 3.15 2.16
CA GLY A 133 4.18 2.82 3.54
C GLY A 133 3.52 4.01 4.19
N TYR A 134 3.99 5.23 3.88
CA TYR A 134 3.32 6.43 4.39
C TYR A 134 1.84 6.39 3.89
N GLY A 135 1.63 6.13 2.58
CA GLY A 135 0.33 6.14 2.01
C GLY A 135 -0.59 5.14 2.64
N ALA A 136 -0.03 3.91 2.90
CA ALA A 136 -0.83 2.85 3.49
C ALA A 136 -1.29 3.23 4.88
N PHE A 137 -0.40 3.77 5.70
CA PHE A 137 -0.82 4.14 7.04
C PHE A 137 -1.76 5.35 7.03
N LYS A 138 -1.50 6.32 6.21
CA LYS A 138 -2.37 7.50 6.09
C LYS A 138 -3.79 7.09 5.71
N TRP A 139 -3.89 6.29 4.64
CA TRP A 139 -5.21 5.85 4.19
C TRP A 139 -5.94 5.04 5.27
N ALA A 140 -5.20 4.17 5.94
CA ALA A 140 -5.84 3.33 6.98
C ALA A 140 -6.24 4.19 8.20
N LEU A 141 -5.41 5.14 8.58
CA LEU A 141 -5.79 6.01 9.72
C LEU A 141 -6.99 6.89 9.45
N LYS A 142 -7.04 7.45 8.23
CA LYS A 142 -8.11 8.34 7.87
C LYS A 142 -9.36 7.70 7.52
N SER A 143 -9.33 6.55 6.85
CA SER A 143 -10.56 6.02 6.27
C SER A 143 -11.28 5.03 7.12
N ASN A 144 -10.58 4.36 8.04
CA ASN A 144 -11.15 3.18 8.70
C ASN A 144 -11.73 2.08 7.74
N ARG A 145 -11.21 2.04 6.52
CA ARG A 145 -11.70 1.07 5.50
C ARG A 145 -11.05 -0.33 5.70
N PHE A 146 -9.92 -0.39 6.34
CA PHE A 146 -9.10 -1.60 6.41
C PHE A 146 -9.02 -2.25 7.76
N SER A 147 -9.01 -3.59 7.75
CA SER A 147 -8.73 -4.33 8.96
C SER A 147 -7.24 -4.41 9.29
N TYR A 148 -6.38 -4.45 8.23
CA TYR A 148 -4.94 -4.65 8.38
C TYR A 148 -4.24 -3.67 7.46
N ALA A 149 -3.16 -3.09 7.95
CA ALA A 149 -2.37 -2.15 7.21
C ALA A 149 -0.91 -2.35 7.47
N ALA A 150 -0.07 -2.23 6.45
CA ALA A 150 1.38 -2.55 6.59
C ALA A 150 2.24 -1.57 5.85
N SER A 151 3.36 -1.24 6.51
CA SER A 151 4.36 -0.39 5.97
C SER A 151 5.70 -1.06 5.94
N PHE A 152 6.35 -1.07 4.75
CA PHE A 152 7.69 -1.63 4.59
C PHE A 152 8.70 -0.53 4.25
N SER A 153 9.58 -0.25 5.19
CA SER A 153 10.56 0.82 5.02
C SER A 153 9.89 2.17 4.72
N GLY A 154 8.83 2.49 5.44
CA GLY A 154 7.98 3.59 5.13
C GLY A 154 8.59 4.89 5.59
N ALA A 155 8.23 6.00 4.98
CA ALA A 155 8.65 7.33 5.44
C ALA A 155 7.64 7.80 6.45
N LEU A 156 7.68 7.26 7.64
CA LEU A 156 6.56 7.34 8.56
C LEU A 156 6.65 8.58 9.47
N ASP A 157 7.79 9.22 9.49
CA ASP A 157 7.98 10.54 10.22
C ASP A 157 8.71 11.53 9.33
N PHE A 158 8.32 12.81 9.30
CA PHE A 158 9.30 13.70 8.59
C PHE A 158 9.08 15.09 9.01
N SER A 159 10.05 15.93 8.69
CA SER A 159 9.89 17.42 8.87
C SER A 159 10.60 18.12 7.79
N PRO A 160 10.35 19.43 7.69
CA PRO A 160 11.17 20.20 6.81
C PRO A 160 12.61 19.93 7.03
N GLU A 161 13.01 19.72 8.28
CA GLU A 161 14.44 19.73 8.59
C GLU A 161 15.03 18.56 7.85
N THR A 162 14.36 17.42 7.95
CA THR A 162 14.82 16.17 7.33
C THR A 162 14.54 15.99 5.85
N ASN A 163 13.43 16.49 5.35
CA ASN A 163 13.12 16.37 3.94
C ASN A 163 14.20 17.10 3.13
N LEU A 164 14.65 18.23 3.67
CA LEU A 164 15.30 19.29 2.96
C LEU A 164 15.82 20.31 4.01
N GLU A 165 17.06 20.32 4.51
CA GLU A 165 18.30 19.75 4.00
C GLU A 165 18.14 18.92 2.78
N GLY A 166 18.78 19.36 1.73
CA GLY A 166 18.57 18.91 0.37
C GLY A 166 19.31 17.68 -0.09
N ASN A 167 19.32 16.65 0.74
CA ASN A 167 19.75 15.29 0.41
C ASN A 167 18.64 14.35 -0.11
N LEU A 168 17.40 14.75 0.10
CA LEU A 168 16.22 13.92 -0.19
C LEU A 168 15.30 14.57 -1.26
N GLY A 169 15.84 15.44 -2.13
CA GLY A 169 15.04 16.13 -3.23
C GLY A 169 14.93 17.62 -2.91
N GLU A 170 14.55 18.47 -3.85
CA GLU A 170 14.67 19.86 -3.45
CA GLU A 170 14.57 19.92 -3.69
C GLU A 170 13.39 20.46 -2.94
N LEU A 171 13.58 21.63 -2.37
CA LEU A 171 12.47 22.33 -1.74
C LEU A 171 11.18 22.48 -2.54
N ALA A 172 11.29 22.84 -3.80
CA ALA A 172 10.15 23.03 -4.60
C ALA A 172 9.32 21.77 -4.78
N TYR A 173 10.02 20.66 -4.92
CA TYR A 173 9.35 19.35 -4.95
C TYR A 173 8.52 19.09 -3.65
N TRP A 174 9.15 19.22 -2.51
CA TRP A 174 8.52 18.85 -1.26
C TRP A 174 7.40 19.76 -0.91
N GLN A 175 7.56 21.04 -1.17
CA GLN A 175 6.50 22.02 -0.96
C GLN A 175 5.41 21.88 -1.98
N GLY A 176 5.70 21.27 -3.15
CA GLY A 176 4.61 21.04 -4.09
C GLY A 176 3.72 19.96 -3.53
N VAL A 177 4.30 18.92 -2.94
CA VAL A 177 3.52 17.84 -2.37
C VAL A 177 2.73 18.33 -1.13
N PHE A 178 3.45 18.91 -0.17
CA PHE A 178 2.88 19.12 1.18
C PHE A 178 2.50 20.55 1.52
N GLY A 179 2.66 21.45 0.56
CA GLY A 179 2.48 22.89 0.88
C GLY A 179 3.76 23.56 1.39
N GLN A 180 3.65 24.88 1.44
CA GLN A 180 4.79 25.63 1.95
C GLN A 180 5.12 25.23 3.37
N PHE A 181 6.38 25.15 3.70
CA PHE A 181 6.83 24.65 4.97
C PHE A 181 6.51 25.65 6.12
N GLU A 182 6.23 26.90 5.78
CA GLU A 182 5.75 27.80 6.84
C GLU A 182 4.25 27.78 7.09
N ASP A 183 3.48 26.99 6.33
CA ASP A 183 2.05 26.95 6.56
C ASP A 183 1.79 26.22 7.88
N PRO A 184 0.97 26.81 8.77
CA PRO A 184 0.74 26.14 10.05
C PRO A 184 -0.03 24.83 9.91
N ASP A 185 -0.63 24.59 8.76
CA ASP A 185 -1.30 23.33 8.51
C ASP A 185 -0.42 22.17 7.98
N LEU A 186 0.89 22.40 7.85
CA LEU A 186 1.84 21.39 7.36
C LEU A 186 1.67 20.14 8.20
N ASP A 187 1.48 20.35 9.51
CA ASP A 187 1.47 19.21 10.41
C ASP A 187 0.29 18.27 10.26
N LYS A 188 -0.72 18.67 9.50
CA LYS A 188 -1.78 17.77 9.19
C LYS A 188 -1.34 16.59 8.31
N HIS A 189 -0.19 16.72 7.66
CA HIS A 189 0.35 15.63 6.87
C HIS A 189 1.15 14.58 7.70
N TYR A 190 1.36 14.84 9.00
CA TYR A 190 2.13 13.96 9.82
C TYR A 190 1.27 12.83 10.37
N LEU A 191 1.71 11.61 10.14
CA LEU A 191 0.89 10.45 10.52
C LEU A 191 0.62 10.49 12.03
N LYS A 192 1.57 10.91 12.82
CA LYS A 192 1.33 10.98 14.28
C LYS A 192 0.12 11.82 14.65
N ASN A 193 -0.20 12.82 13.82
CA ASN A 193 -1.35 13.70 14.06
C ASN A 193 -2.66 13.17 13.54
N MET A 194 -2.65 11.99 12.95
CA MET A 194 -3.86 11.36 12.45
C MET A 194 -4.41 10.19 13.34
N VAL A 195 -3.69 9.82 14.39
CA VAL A 195 -4.00 8.65 15.21
C VAL A 195 -5.27 8.91 16.04
N ALA A 196 -5.35 10.10 16.61
CA ALA A 196 -6.43 10.46 17.54
C ALA A 196 -7.78 10.30 16.93
N GLU A 197 -7.92 10.78 15.70
CA GLU A 197 -9.19 10.64 15.02
C GLU A 197 -9.47 9.28 14.38
N SER A 198 -8.50 8.38 14.24
CA SER A 198 -8.78 7.05 13.68
C SER A 198 -9.59 6.22 14.71
N ASP A 199 -10.26 5.17 14.27
CA ASP A 199 -11.14 4.43 15.18
C ASP A 199 -10.53 3.35 16.10
N GLY A 200 -9.22 3.09 15.97
CA GLY A 200 -8.50 2.08 16.73
C GLY A 200 -8.84 0.64 16.37
N LYS A 201 -9.60 0.43 15.29
CA LYS A 201 -9.95 -0.92 14.85
C LYS A 201 -9.16 -1.49 13.65
N THR A 202 -8.02 -0.92 13.37
CA THR A 202 -7.08 -1.42 12.33
C THR A 202 -5.84 -2.00 12.96
N LYS A 203 -5.42 -3.20 12.55
CA LYS A 203 -4.12 -3.71 12.98
C LYS A 203 -3.03 -3.21 12.07
N PHE A 204 -1.93 -2.77 12.65
CA PHE A 204 -0.82 -2.18 11.89
C PHE A 204 0.40 -3.04 12.03
N TYR A 205 1.14 -3.14 10.94
CA TYR A 205 2.47 -3.75 10.97
C TYR A 205 3.45 -2.84 10.28
N ALA A 206 4.62 -2.68 10.86
CA ALA A 206 5.71 -1.96 10.20
C ALA A 206 7.02 -2.72 10.24
N TRP A 207 7.81 -2.65 9.17
CA TRP A 207 9.13 -3.22 9.11
C TRP A 207 10.12 -2.17 8.65
N CYS A 208 11.35 -2.21 9.09
CA CYS A 208 12.44 -1.45 8.48
C CYS A 208 13.74 -2.14 8.67
N GLY A 209 14.61 -2.06 7.70
CA GLY A 209 15.99 -2.63 7.80
C GLY A 209 16.89 -1.71 8.60
N TYR A 210 17.81 -2.32 9.32
CA TYR A 210 18.74 -1.55 10.16
C TYR A 210 19.59 -0.56 9.39
N GLU A 211 19.93 -0.90 8.15
CA GLU A 211 20.88 -0.19 7.38
C GLU A 211 20.18 0.83 6.50
N ASP A 212 18.86 0.87 6.55
CA ASP A 212 18.11 1.76 5.71
C ASP A 212 18.31 3.23 6.15
N PHE A 213 18.35 4.20 5.22
CA PHE A 213 18.40 5.64 5.59
C PHE A 213 17.18 6.07 6.39
N LEU A 214 16.07 5.32 6.36
CA LEU A 214 14.90 5.64 7.14
C LEU A 214 14.79 4.87 8.42
N PHE A 215 15.81 4.19 8.87
CA PHE A 215 15.72 3.41 10.10
C PHE A 215 15.41 4.34 11.31
N ALA A 216 16.15 5.45 11.42
CA ALA A 216 15.88 6.38 12.52
C ALA A 216 14.46 6.95 12.51
N THR A 217 13.99 7.31 11.31
CA THR A 217 12.59 7.72 11.03
C THR A 217 11.58 6.73 11.52
N ASN A 218 11.79 5.45 11.27
CA ASN A 218 10.88 4.43 11.74
C ASN A 218 10.93 4.22 13.24
N GLU A 219 12.13 4.23 13.80
CA GLU A 219 12.26 4.13 15.26
C GLU A 219 11.47 5.28 15.94
N LYS A 220 11.63 6.49 15.45
CA LYS A 220 10.92 7.66 15.99
C LYS A 220 9.42 7.55 15.78
N ALA A 221 8.99 7.20 14.57
CA ALA A 221 7.59 7.14 14.31
C ALA A 221 6.89 6.06 15.14
N ILE A 222 7.48 4.89 15.27
CA ILE A 222 6.81 3.81 16.00
C ILE A 222 6.72 4.19 17.47
N ALA A 223 7.75 4.80 18.00
CA ALA A 223 7.73 5.22 19.42
C ALA A 223 6.57 6.19 19.64
N ASP A 224 6.31 7.07 18.69
CA ASP A 224 5.23 8.04 18.81
C ASP A 224 3.89 7.32 18.68
N PHE A 225 3.74 6.40 17.74
CA PHE A 225 2.55 5.64 17.61
C PHE A 225 2.27 4.83 18.88
N GLN A 226 3.31 4.23 19.45
CA GLN A 226 3.12 3.36 20.62
C GLN A 226 2.69 4.19 21.86
N ALA A 227 3.23 5.40 21.96
CA ALA A 227 2.82 6.38 22.98
C ALA A 227 1.33 6.72 22.93
N GLN A 228 0.74 6.73 21.74
CA GLN A 228 -0.66 6.99 21.53
C GLN A 228 -1.53 5.76 21.57
N GLY A 229 -0.92 4.63 21.84
CA GLY A 229 -1.70 3.41 21.97
C GLY A 229 -2.14 2.75 20.65
N LEU A 230 -1.45 3.03 19.55
CA LEU A 230 -1.83 2.40 18.28
C LEU A 230 -1.61 0.91 18.35
N ASP A 231 -2.48 0.13 17.73
CA ASP A 231 -2.29 -1.32 17.68
C ASP A 231 -1.27 -1.67 16.57
N ILE A 232 0.00 -1.63 16.90
CA ILE A 232 1.07 -1.83 15.92
C ILE A 232 2.08 -2.86 16.37
N ASP A 233 2.49 -3.72 15.46
CA ASP A 233 3.64 -4.54 15.64
C ASP A 233 4.77 -4.08 14.71
N TYR A 234 5.95 -3.84 15.26
CA TYR A 234 7.11 -3.32 14.55
C TYR A 234 8.26 -4.29 14.62
N HIS A 235 8.77 -4.64 13.45
CA HIS A 235 9.94 -5.47 13.31
C HIS A 235 11.01 -4.92 12.45
N LYS A 236 12.22 -5.40 12.70
CA LYS A 236 13.36 -4.95 11.98
C LYS A 236 14.29 -6.10 11.74
N GLY A 237 15.12 -5.96 10.74
CA GLY A 237 16.13 -6.98 10.33
C GLY A 237 17.20 -6.26 9.58
N HIS A 238 18.24 -6.97 9.15
CA HIS A 238 19.23 -6.37 8.31
C HIS A 238 18.60 -6.14 6.93
N GLY A 239 18.91 -5.02 6.36
CA GLY A 239 18.35 -4.68 5.04
C GLY A 239 18.43 -3.18 4.80
N LYS A 240 18.23 -2.86 3.53
CA LYS A 240 18.34 -1.53 2.99
C LYS A 240 17.03 -1.22 2.25
N HIS A 241 17.06 -0.11 1.51
CA HIS A 241 15.89 0.43 0.82
C HIS A 241 15.79 -0.19 -0.55
N GLU A 242 15.57 -1.50 -0.56
CA GLU A 242 15.69 -2.27 -1.78
C GLU A 242 14.61 -3.31 -1.92
N TRP A 243 14.26 -3.59 -3.19
CA TRP A 243 13.10 -4.45 -3.46
C TRP A 243 13.22 -5.92 -2.99
N TYR A 244 14.41 -6.48 -2.87
CA TYR A 244 14.53 -7.79 -2.32
C TYR A 244 13.88 -7.89 -0.94
N TYR A 245 14.07 -6.87 -0.10
CA TYR A 245 13.54 -6.91 1.25
C TYR A 245 12.06 -6.68 1.17
N TRP A 246 11.59 -5.89 0.20
CA TRP A 246 10.15 -5.70 0.08
C TRP A 246 9.41 -6.98 -0.36
N ASN A 247 10.05 -7.76 -1.24
CA ASN A 247 9.58 -9.09 -1.57
CA ASN A 247 9.53 -9.08 -1.55
C ASN A 247 9.45 -9.96 -0.30
N GLN A 248 10.49 -9.97 0.53
CA GLN A 248 10.46 -10.76 1.79
C GLN A 248 9.28 -10.33 2.66
N GLN A 249 9.11 -9.02 2.81
CA GLN A 249 8.02 -8.50 3.62
C GLN A 249 6.63 -8.80 3.02
N LEU A 250 6.52 -8.80 1.71
CA LEU A 250 5.25 -9.24 1.08
C LEU A 250 4.91 -10.66 1.55
N GLU A 251 5.91 -11.52 1.57
CA GLU A 251 5.68 -12.93 1.98
C GLU A 251 5.30 -13.07 3.44
N VAL A 252 5.87 -12.26 4.30
CA VAL A 252 5.40 -12.14 5.71
C VAL A 252 3.97 -11.62 5.80
N LEU A 253 3.67 -10.60 5.00
CA LEU A 253 2.31 -9.98 4.98
C LEU A 253 1.25 -11.02 4.61
N LEU A 254 1.52 -11.82 3.60
CA LEU A 254 0.55 -12.80 3.13
C LEU A 254 0.14 -13.86 4.18
N GLU A 255 1.03 -14.20 5.04
CA GLU A 255 0.71 -15.05 6.20
C GLU A 255 -0.02 -14.32 7.33
N TRP A 256 0.30 -13.03 7.53
CA TRP A 256 -0.33 -12.23 8.56
C TRP A 256 -1.80 -11.94 8.26
N LEU A 257 -2.10 -11.61 6.99
CA LEU A 257 -3.46 -11.35 6.63
C LEU A 257 -4.35 -12.57 6.73
N PRO A 258 -5.63 -12.38 7.05
CA PRO A 258 -6.60 -13.48 7.18
C PRO A 258 -7.14 -13.94 5.81
N ILE A 259 -6.26 -14.49 4.97
CA ILE A 259 -6.59 -14.79 3.59
C ILE A 259 -6.40 -16.24 3.24
N ASN A 260 -6.03 -17.05 4.18
CA ASN A 260 -5.80 -18.48 3.88
C ASN A 260 -4.80 -18.69 2.73
N TYR A 261 -3.70 -17.95 2.80
CA TYR A 261 -2.61 -18.02 1.84
C TYR A 261 -2.12 -19.49 1.60
N GLN A 262 -2.13 -19.86 0.35
CA GLN A 262 -1.72 -21.19 -0.07
C GLN A 262 -0.29 -21.11 -0.53
N LYS A 263 0.62 -21.24 0.41
CA LYS A 263 2.05 -21.03 0.15
C LYS A 263 2.63 -22.13 -0.78
N GLU A 264 3.32 -21.75 -1.86
CA GLU A 264 3.91 -22.74 -2.76
C GLU A 264 4.92 -23.64 -2.03
N GLU A 265 4.92 -24.91 -2.42
CA GLU A 265 5.92 -25.84 -1.89
C GLU A 265 7.32 -25.47 -2.35
N ARG A 266 8.30 -25.52 -1.45
CA ARG A 266 9.68 -25.26 -1.76
C ARG A 266 10.57 -26.36 -1.20
N LEU A 267 10.87 -27.35 -2.05
CA LEU A 267 11.71 -28.49 -1.68
C LEU A 267 13.21 -28.22 -1.65
N SER A 268 13.63 -27.02 -2.08
CA SER A 268 15.01 -26.58 -2.11
C SER A 268 15.00 -25.08 -2.00
#